data_1C1E
#
_entry.id   1C1E
#
_cell.length_a   44.73
_cell.length_b   132.44
_cell.length_c   167.50
_cell.angle_alpha   90
_cell.angle_beta   90
_cell.angle_gamma   90
#
_symmetry.space_group_name_H-M   'C 2 2 21'
#
loop_
_entity.id
_entity.type
_entity.pdbx_description
1 polymer 'CATALYTIC ANTIBODY 1E9 (LIGHT CHAIN)'
2 polymer 'CATALYTIC ANTIBODY 1E9 (HEAVY CHAIN)'
3 non-polymer D-MALATE
4 non-polymer 1,7,8,9,10,10-HEXACHLORO-4-METHYL-4-AZA-TRICYCLO[5.2.1.0(2,6)]DEC-8-ENE-3,5-DIONE
5 water water
#
loop_
_entity_poly.entity_id
_entity_poly.type
_entity_poly.pdbx_seq_one_letter_code
_entity_poly.pdbx_strand_id
1 'polypeptide(L)'
;ELVMTQTPLSLPVSLGDQASISCRSSQSLVHSNGNTYLHWYLQKPGQSPKFLIYKVSNRFSGVPDRFGGSGSGTDFILKI
SRVEAEDLGVYFCFQSTHFFPTFGGGTKLEIKSADAAPTVSIFPPSSEQLTSGGASVVCFLNNFYPKDINVKWKIDGSER
QNGVLNSWTDQDSKDSTYSMSSTLTLTKDEYERHNSYTCEATHKTSTSPIVKSFNR
;
L
2 'polypeptide(L)'
;QIQLVQSGPELKKPGETVKISCKASGYMFTNYGMNWVKQAPGKALKLMGWINPYTGESTFADDFKGRFAFFLETSATTAY
LQINNLKNEDMATYFCARGTTIVRAMDYWGQGTSLTVSSAKTTPPSVYPLAPGSAAQTNSMVTLGCLVKGYFPEPVTVTW
NSGSLSSGVHTFPAVLQSDLYTLSSSVTVPSSPRPSETVTCNVAHPASSTKVDKKIVPR
;
H
#
loop_
_chem_comp.id
_chem_comp.type
_chem_comp.name
_chem_comp.formula
ENH non-polymer 1,7,8,9,10,10-HEXACHLORO-4-METHYL-4-AZA-TRICYCLO[5.2.1.0(2,6)]DEC-8-ENE-3,5-DIONE 'C10 H5 Cl6 N O2'
MLT non-polymer D-MALATE 'C4 H6 O5'
#
# COMPACT_ATOMS: atom_id res chain seq x y z
N GLU A 1 -14.12 -21.98 9.20
CA GLU A 1 -14.31 -20.78 8.33
C GLU A 1 -14.09 -21.13 6.87
N LEU A 2 -14.72 -20.36 6.02
CA LEU A 2 -14.59 -20.53 4.60
C LEU A 2 -13.39 -19.78 4.07
N VAL A 3 -12.41 -20.52 3.61
CA VAL A 3 -11.19 -19.97 3.05
C VAL A 3 -11.39 -19.70 1.56
N MET A 4 -11.16 -18.45 1.16
CA MET A 4 -11.30 -18.05 -0.25
C MET A 4 -9.88 -17.77 -0.77
N THR A 5 -9.45 -18.60 -1.70
CA THR A 5 -8.13 -18.57 -2.29
C THR A 5 -8.15 -18.04 -3.72
N GLN A 6 -7.47 -16.92 -3.96
CA GLN A 6 -7.40 -16.31 -5.27
C GLN A 6 -6.04 -16.48 -5.92
N THR A 7 -6.06 -16.71 -7.22
CA THR A 7 -4.80 -16.83 -7.93
C THR A 7 -4.99 -16.22 -9.33
N PRO A 8 -3.93 -15.55 -9.84
CA PRO A 8 -2.64 -15.36 -9.16
C PRO A 8 -2.68 -14.16 -8.25
N LEU A 9 -1.59 -13.91 -7.54
CA LEU A 9 -1.47 -12.74 -6.65
C LEU A 9 -1.37 -11.50 -7.52
N SER A 10 -0.59 -11.63 -8.58
CA SER A 10 -0.40 -10.56 -9.52
C SER A 10 -0.62 -11.11 -10.94
N LEU A 11 -1.39 -10.38 -11.74
CA LEU A 11 -1.62 -10.81 -13.09
C LEU A 11 -1.24 -9.67 -14.06
N PRO A 12 -0.07 -9.81 -14.71
CA PRO A 12 0.39 -8.80 -15.66
C PRO A 12 -0.35 -8.95 -16.98
N VAL A 13 -0.88 -7.86 -17.50
CA VAL A 13 -1.57 -7.92 -18.78
C VAL A 13 -1.26 -6.74 -19.65
N SER A 14 -1.48 -6.91 -20.94
CA SER A 14 -1.28 -5.82 -21.87
C SER A 14 -2.65 -5.28 -22.12
N LEU A 15 -2.80 -3.96 -22.03
CA LEU A 15 -4.08 -3.34 -22.24
C LEU A 15 -4.70 -3.84 -23.56
N GLY A 16 -6.01 -4.02 -23.57
CA GLY A 16 -6.68 -4.50 -24.76
C GLY A 16 -6.79 -6.02 -24.77
N ASP A 17 -5.90 -6.69 -24.05
CA ASP A 17 -5.90 -8.16 -23.97
C ASP A 17 -6.99 -8.69 -23.02
N GLN A 18 -7.10 -10.00 -22.98
CA GLN A 18 -8.06 -10.69 -22.12
C GLN A 18 -7.36 -10.95 -20.79
N ALA A 19 -8.13 -10.99 -19.71
CA ALA A 19 -7.56 -11.28 -18.41
C ALA A 19 -8.52 -12.24 -17.70
N SER A 20 -7.99 -13.24 -17.01
CA SER A 20 -8.84 -14.17 -16.29
C SER A 20 -8.23 -14.49 -14.93
N ILE A 21 -9.04 -14.39 -13.89
CA ILE A 21 -8.58 -14.68 -12.54
C ILE A 21 -9.53 -15.65 -11.83
N SER A 22 -8.94 -16.50 -11.01
CA SER A 22 -9.63 -17.57 -10.27
C SER A 22 -9.90 -17.32 -8.78
N CYS A 23 -11.00 -17.87 -8.28
CA CYS A 23 -11.36 -17.75 -6.88
C CYS A 23 -11.91 -19.12 -6.50
N ARG A 24 -11.35 -19.71 -5.44
CA ARG A 24 -11.77 -21.03 -4.98
C ARG A 24 -12.13 -21.03 -3.50
N SER A 25 -13.25 -21.69 -3.16
CA SER A 25 -13.69 -21.78 -1.78
C SER A 25 -13.35 -23.16 -1.20
N SER A 26 -13.13 -23.20 0.12
CA SER A 26 -12.76 -24.46 0.78
C SER A 26 -14.03 -25.30 0.95
N GLN A 27 -15.17 -24.65 0.74
CA GLN A 27 -16.48 -25.27 0.86
C GLN A 27 -17.39 -24.73 -0.26
N SER A 28 -18.27 -25.58 -0.79
CA SER A 28 -19.17 -25.13 -1.83
C SER A 28 -19.99 -23.93 -1.36
N LEU A 29 -20.12 -22.95 -2.24
CA LEU A 29 -20.85 -21.73 -1.96
C LEU A 29 -22.34 -21.81 -2.29
N VAL A 30 -22.77 -22.95 -2.82
CA VAL A 30 -24.16 -23.14 -3.14
C VAL A 30 -24.94 -23.15 -1.82
N HIS A 31 -25.88 -22.23 -1.68
CA HIS A 31 -26.71 -22.14 -0.48
C HIS A 31 -27.86 -23.17 -0.49
N SER A 32 -28.45 -23.43 0.68
CA SER A 32 -29.54 -24.41 0.73
C SER A 32 -30.69 -23.90 -0.13
N ASN A 33 -30.92 -22.58 -0.08
CA ASN A 33 -31.97 -21.94 -0.86
C ASN A 33 -31.76 -21.91 -2.39
N GLY A 34 -30.67 -22.52 -2.86
CA GLY A 34 -30.41 -22.53 -4.29
C GLY A 34 -29.46 -21.45 -4.82
N ASN A 35 -29.36 -20.31 -4.14
CA ASN A 35 -28.46 -19.24 -4.57
C ASN A 35 -26.98 -19.51 -4.25
N THR A 36 -26.08 -18.89 -5.02
CA THR A 36 -24.65 -19.02 -4.77
C THR A 36 -24.19 -17.60 -4.50
N TYR A 37 -23.89 -17.31 -3.25
CA TYR A 37 -23.49 -15.96 -2.90
C TYR A 37 -21.99 -15.69 -2.99
N LEU A 38 -21.46 -15.71 -4.22
CA LEU A 38 -20.06 -15.45 -4.53
C LEU A 38 -20.06 -14.12 -5.32
N HIS A 39 -19.43 -13.09 -4.76
CA HIS A 39 -19.39 -11.76 -5.40
C HIS A 39 -17.94 -11.33 -5.72
N TRP A 40 -17.79 -10.29 -6.55
CA TRP A 40 -16.48 -9.74 -6.96
C TRP A 40 -16.44 -8.22 -6.75
N TYR A 41 -15.29 -7.70 -6.33
CA TYR A 41 -15.11 -6.28 -6.08
C TYR A 41 -13.82 -5.75 -6.68
N LEU A 42 -13.82 -4.48 -7.11
CA LEU A 42 -12.60 -3.90 -7.70
C LEU A 42 -12.13 -2.78 -6.80
N GLN A 43 -10.88 -2.87 -6.33
CA GLN A 43 -10.37 -1.84 -5.47
C GLN A 43 -9.19 -1.22 -6.15
N LYS A 44 -9.34 0.07 -6.43
CA LYS A 44 -8.31 0.84 -7.11
C LYS A 44 -7.39 1.45 -6.08
N PRO A 45 -6.14 1.65 -6.46
CA PRO A 45 -5.16 2.23 -5.53
C PRO A 45 -5.67 3.56 -5.00
N GLY A 46 -5.95 3.59 -3.70
CA GLY A 46 -6.45 4.80 -3.06
C GLY A 46 -7.95 5.02 -3.07
N GLN A 47 -8.67 4.27 -3.89
CA GLN A 47 -10.12 4.45 -3.95
C GLN A 47 -10.87 3.40 -3.20
N SER A 48 -12.16 3.65 -3.02
CA SER A 48 -13.01 2.72 -2.33
C SER A 48 -13.35 1.54 -3.23
N PRO A 49 -13.42 0.32 -2.66
CA PRO A 49 -13.75 -0.88 -3.44
C PRO A 49 -15.04 -0.61 -4.20
N LYS A 50 -15.14 -1.18 -5.39
CA LYS A 50 -16.34 -1.00 -6.21
C LYS A 50 -16.97 -2.37 -6.47
N PHE A 51 -18.29 -2.43 -6.39
CA PHE A 51 -19.11 -3.63 -6.63
C PHE A 51 -19.13 -4.00 -8.14
N LEU A 52 -18.55 -5.15 -8.50
CA LEU A 52 -18.49 -5.58 -9.93
C LEU A 52 -19.50 -6.68 -10.37
N ILE A 53 -19.45 -7.85 -9.70
CA ILE A 53 -20.31 -8.97 -10.04
C ILE A 53 -20.97 -9.56 -8.80
N TYR A 54 -22.28 -9.82 -8.87
CA TYR A 54 -22.98 -10.41 -7.76
C TYR A 54 -23.52 -11.77 -8.13
N LYS A 55 -23.60 -12.64 -7.11
CA LYS A 55 -24.07 -14.00 -7.27
C LYS A 55 -23.48 -14.67 -8.50
N VAL A 56 -22.14 -14.72 -8.54
CA VAL A 56 -21.39 -15.37 -9.60
C VAL A 56 -21.31 -14.80 -11.02
N SER A 57 -22.44 -14.40 -11.59
CA SER A 57 -22.35 -13.95 -12.97
C SER A 57 -23.21 -12.77 -13.34
N ASN A 58 -23.80 -12.14 -12.35
CA ASN A 58 -24.64 -11.00 -12.55
C ASN A 58 -23.91 -9.69 -12.36
N ARG A 59 -23.83 -8.92 -13.45
CA ARG A 59 -23.16 -7.62 -13.40
C ARG A 59 -23.89 -6.55 -12.62
N PHE A 60 -23.20 -5.87 -11.71
CA PHE A 60 -23.85 -4.81 -10.94
C PHE A 60 -24.12 -3.68 -11.93
N SER A 61 -25.11 -2.87 -11.64
CA SER A 61 -25.43 -1.76 -12.49
C SER A 61 -24.22 -0.86 -12.82
N GLY A 62 -24.13 -0.45 -14.07
CA GLY A 62 -23.06 0.42 -14.49
C GLY A 62 -21.79 -0.31 -14.87
N VAL A 63 -21.67 -1.57 -14.48
CA VAL A 63 -20.47 -2.33 -14.79
C VAL A 63 -20.39 -2.73 -16.27
N PRO A 64 -19.26 -2.45 -16.93
CA PRO A 64 -19.02 -2.75 -18.35
C PRO A 64 -19.21 -4.23 -18.77
N ASP A 65 -19.70 -4.40 -20.00
CA ASP A 65 -19.95 -5.68 -20.66
C ASP A 65 -18.76 -6.60 -20.66
N ARG A 66 -17.57 -6.03 -20.72
CA ARG A 66 -16.37 -6.84 -20.79
C ARG A 66 -16.12 -7.68 -19.53
N PHE A 67 -16.80 -7.36 -18.44
CA PHE A 67 -16.64 -8.14 -17.18
C PHE A 67 -17.62 -9.32 -17.13
N GLY A 68 -17.10 -10.54 -17.12
CA GLY A 68 -17.98 -11.69 -17.04
C GLY A 68 -17.57 -12.61 -15.92
N GLY A 69 -18.53 -13.02 -15.10
CA GLY A 69 -18.19 -13.93 -14.02
C GLY A 69 -18.79 -15.29 -14.29
N SER A 70 -18.02 -16.36 -14.04
CA SER A 70 -18.53 -17.73 -14.25
C SER A 70 -18.07 -18.70 -13.14
N GLY A 71 -18.40 -20.00 -13.32
CA GLY A 71 -18.06 -21.05 -12.34
C GLY A 71 -19.20 -21.56 -11.45
N SER A 72 -18.89 -22.49 -10.55
CA SER A 72 -19.90 -23.06 -9.62
C SER A 72 -19.27 -23.88 -8.48
N GLY A 73 -20.07 -24.11 -7.42
CA GLY A 73 -19.62 -24.89 -6.27
C GLY A 73 -18.50 -24.25 -5.48
N THR A 74 -17.27 -24.62 -5.78
CA THR A 74 -16.10 -24.07 -5.09
C THR A 74 -15.16 -23.31 -6.04
N ASP A 75 -15.40 -23.40 -7.34
CA ASP A 75 -14.51 -22.77 -8.31
C ASP A 75 -15.19 -21.70 -9.13
N PHE A 76 -14.55 -20.52 -9.16
CA PHE A 76 -15.07 -19.40 -9.88
C PHE A 76 -14.03 -18.66 -10.68
N ILE A 77 -14.50 -18.00 -11.72
CA ILE A 77 -13.63 -17.24 -12.57
C ILE A 77 -14.25 -15.91 -12.94
N LEU A 78 -13.40 -14.87 -12.95
CA LEU A 78 -13.84 -13.53 -13.37
C LEU A 78 -12.98 -13.28 -14.63
N LYS A 79 -13.64 -12.96 -15.75
CA LYS A 79 -12.94 -12.73 -17.02
C LYS A 79 -13.12 -11.31 -17.55
N ILE A 80 -12.09 -10.76 -18.15
CA ILE A 80 -12.18 -9.41 -18.71
C ILE A 80 -11.76 -9.64 -20.13
N SER A 81 -12.71 -9.50 -21.05
CA SER A 81 -12.44 -9.77 -22.45
C SER A 81 -11.39 -8.86 -23.09
N ARG A 82 -11.49 -7.55 -22.84
CA ARG A 82 -10.55 -6.56 -23.43
C ARG A 82 -10.22 -5.57 -22.33
N VAL A 83 -9.07 -5.77 -21.69
CA VAL A 83 -8.70 -4.91 -20.59
C VAL A 83 -8.44 -3.46 -20.96
N GLU A 84 -9.02 -2.56 -20.16
CA GLU A 84 -8.88 -1.12 -20.29
C GLU A 84 -8.07 -0.67 -19.05
N ALA A 85 -7.53 0.54 -19.10
CA ALA A 85 -6.69 1.04 -18.01
C ALA A 85 -7.49 1.24 -16.74
N GLU A 86 -8.77 1.51 -16.88
CA GLU A 86 -9.65 1.70 -15.75
C GLU A 86 -9.89 0.38 -14.99
N ASP A 87 -9.48 -0.74 -15.56
CA ASP A 87 -9.68 -2.03 -14.93
C ASP A 87 -8.52 -2.44 -14.01
N LEU A 88 -7.40 -1.72 -14.10
CA LEU A 88 -6.23 -2.05 -13.29
C LEU A 88 -6.49 -1.77 -11.81
N GLY A 89 -6.07 -2.69 -10.95
CA GLY A 89 -6.28 -2.53 -9.52
C GLY A 89 -6.36 -3.90 -8.87
N VAL A 90 -6.94 -3.99 -7.68
CA VAL A 90 -6.99 -5.28 -7.03
C VAL A 90 -8.40 -5.86 -7.03
N TYR A 91 -8.53 -7.08 -7.54
CA TYR A 91 -9.84 -7.75 -7.54
C TYR A 91 -9.98 -8.67 -6.30
N PHE A 92 -11.13 -8.60 -5.63
CA PHE A 92 -11.42 -9.45 -4.48
C PHE A 92 -12.72 -10.19 -4.68
N CYS A 93 -12.71 -11.51 -4.43
CA CYS A 93 -13.95 -12.28 -4.46
C CYS A 93 -14.44 -12.31 -2.98
N PHE A 94 -15.74 -12.51 -2.77
CA PHE A 94 -16.30 -12.46 -1.44
C PHE A 94 -17.48 -13.42 -1.41
N GLN A 95 -17.57 -14.25 -0.38
CA GLN A 95 -18.70 -15.18 -0.25
C GLN A 95 -19.49 -14.84 0.99
N SER A 96 -20.80 -14.97 0.90
CA SER A 96 -21.68 -14.70 2.02
C SER A 96 -22.72 -15.83 2.13
N THR A 97 -22.39 -16.97 1.55
CA THR A 97 -23.26 -18.12 1.65
C THR A 97 -23.14 -18.69 3.07
N HIS A 98 -21.91 -18.74 3.58
CA HIS A 98 -21.64 -19.31 4.91
C HIS A 98 -21.27 -18.33 6.03
N PHE A 99 -22.04 -18.39 7.13
CA PHE A 99 -21.83 -17.47 8.22
C PHE A 99 -20.40 -17.29 8.55
N PHE A 100 -20.23 -16.00 8.50
CA PHE A 100 -19.16 -15.09 8.55
C PHE A 100 -18.53 -15.10 7.22
N PRO A 101 -19.07 -14.19 6.38
CA PRO A 101 -18.71 -13.87 5.02
C PRO A 101 -17.22 -13.66 5.00
N THR A 102 -16.54 -14.24 4.01
CA THR A 102 -15.09 -14.04 3.91
C THR A 102 -14.67 -13.59 2.51
N PHE A 103 -13.57 -12.83 2.47
CA PHE A 103 -12.96 -12.32 1.24
C PHE A 103 -11.78 -13.17 0.82
N GLY A 104 -11.51 -13.15 -0.47
CA GLY A 104 -10.33 -13.82 -0.96
C GLY A 104 -9.19 -12.84 -0.64
N GLY A 105 -7.96 -13.24 -0.93
CA GLY A 105 -6.80 -12.40 -0.63
C GLY A 105 -6.46 -11.38 -1.68
N GLY A 106 -7.17 -11.41 -2.81
CA GLY A 106 -6.94 -10.45 -3.87
C GLY A 106 -6.02 -10.81 -5.02
N THR A 107 -6.32 -10.22 -6.18
CA THR A 107 -5.50 -10.42 -7.37
C THR A 107 -5.26 -8.99 -7.96
N LYS A 108 -3.99 -8.59 -8.12
CA LYS A 108 -3.68 -7.25 -8.66
C LYS A 108 -3.48 -7.33 -10.18
N LEU A 109 -4.28 -6.57 -10.91
CA LEU A 109 -4.19 -6.53 -12.39
C LEU A 109 -3.17 -5.47 -12.74
N GLU A 110 -2.04 -5.88 -13.31
CA GLU A 110 -0.97 -4.94 -13.64
C GLU A 110 -0.59 -4.96 -15.12
N ILE A 111 0.38 -4.13 -15.50
CA ILE A 111 0.83 -4.06 -16.88
C ILE A 111 2.07 -4.90 -17.16
N LYS A 112 2.04 -5.56 -18.30
CA LYS A 112 3.14 -6.37 -18.73
C LYS A 112 3.96 -5.49 -19.65
N SER A 113 5.26 -5.70 -19.66
CA SER A 113 6.16 -4.91 -20.51
C SER A 113 7.39 -5.77 -20.67
N ALA A 114 8.37 -5.27 -21.40
CA ALA A 114 9.60 -6.04 -21.59
C ALA A 114 10.41 -6.08 -20.31
N ASP A 115 11.24 -7.10 -20.18
CA ASP A 115 12.09 -7.22 -19.01
C ASP A 115 13.04 -6.04 -18.94
N ALA A 116 13.39 -5.64 -17.72
CA ALA A 116 14.30 -4.52 -17.52
C ALA A 116 15.15 -4.77 -16.28
N ALA A 117 16.47 -4.69 -16.40
CA ALA A 117 17.32 -4.90 -15.24
C ALA A 117 17.26 -3.67 -14.34
N PRO A 118 17.42 -3.85 -13.03
CA PRO A 118 17.37 -2.69 -12.14
C PRO A 118 18.61 -1.80 -12.23
N THR A 119 18.44 -0.52 -11.89
CA THR A 119 19.55 0.43 -11.89
C THR A 119 19.83 0.59 -10.40
N VAL A 120 20.92 -0.01 -9.95
CA VAL A 120 21.30 0.01 -8.54
C VAL A 120 22.33 1.04 -8.13
N SER A 121 22.02 1.80 -7.08
CA SER A 121 22.96 2.78 -6.58
C SER A 121 23.03 2.66 -5.07
N ILE A 122 24.25 2.77 -4.54
CA ILE A 122 24.51 2.71 -3.10
C ILE A 122 25.03 4.06 -2.63
N PHE A 123 24.60 4.46 -1.43
CA PHE A 123 24.99 5.72 -0.79
C PHE A 123 25.39 5.50 0.66
N PRO A 124 26.65 5.82 0.99
CA PRO A 124 27.17 5.69 2.37
C PRO A 124 26.43 6.67 3.27
N PRO A 125 26.57 6.52 4.60
CA PRO A 125 25.91 7.42 5.55
C PRO A 125 26.33 8.84 5.20
N SER A 126 25.43 9.80 5.26
CA SER A 126 25.82 11.16 4.92
C SER A 126 26.75 11.61 6.02
N SER A 127 27.38 12.77 5.83
CA SER A 127 28.27 13.28 6.85
C SER A 127 27.44 13.86 7.99
N GLU A 128 26.33 14.52 7.70
CA GLU A 128 25.54 15.08 8.78
C GLU A 128 24.78 14.05 9.61
N GLN A 129 24.51 12.88 9.02
CA GLN A 129 23.83 11.84 9.78
C GLN A 129 24.82 11.28 10.80
N LEU A 130 26.04 11.05 10.34
CA LEU A 130 27.13 10.53 11.15
C LEU A 130 27.37 11.46 12.32
N THR A 131 27.56 12.73 12.01
CA THR A 131 27.78 13.72 13.04
C THR A 131 26.68 13.61 14.08
N SER A 132 25.45 13.41 13.62
CA SER A 132 24.32 13.29 14.55
C SER A 132 24.32 11.94 15.32
N GLY A 133 25.27 11.04 15.02
CA GLY A 133 25.35 9.76 15.72
C GLY A 133 24.66 8.57 15.09
N GLY A 134 24.18 8.76 13.86
CA GLY A 134 23.49 7.70 13.14
C GLY A 134 24.28 7.24 11.93
N ALA A 135 23.88 6.11 11.34
CA ALA A 135 24.58 5.57 10.18
C ALA A 135 23.68 4.65 9.35
N SER A 136 23.13 5.18 8.26
CA SER A 136 22.25 4.38 7.40
C SER A 136 22.85 4.32 6.02
N VAL A 137 22.88 3.14 5.42
CA VAL A 137 23.39 2.94 4.06
C VAL A 137 22.14 2.62 3.24
N VAL A 138 21.96 3.39 2.18
CA VAL A 138 20.79 3.25 1.35
C VAL A 138 21.12 2.77 -0.04
N CYS A 139 20.22 1.93 -0.54
CA CYS A 139 20.40 1.34 -1.84
C CYS A 139 19.13 1.45 -2.67
N PHE A 140 19.28 1.99 -3.86
CA PHE A 140 18.15 2.17 -4.75
C PHE A 140 18.28 1.18 -5.89
N LEU A 141 17.20 0.45 -6.16
CA LEU A 141 17.18 -0.50 -7.26
C LEU A 141 15.99 0.02 -8.03
N ASN A 142 16.28 0.85 -9.04
CA ASN A 142 15.21 1.50 -9.76
C ASN A 142 14.89 1.00 -11.17
N ASN A 143 13.63 1.24 -11.56
CA ASN A 143 13.06 0.93 -12.86
C ASN A 143 13.34 -0.45 -13.40
N PHE A 144 12.83 -1.44 -12.71
CA PHE A 144 13.03 -2.81 -13.14
C PHE A 144 11.71 -3.52 -13.43
N TYR A 145 11.84 -4.61 -14.17
CA TYR A 145 10.69 -5.42 -14.53
C TYR A 145 11.18 -6.80 -14.94
N PRO A 146 10.49 -7.86 -14.49
CA PRO A 146 9.29 -7.90 -13.62
C PRO A 146 9.48 -7.42 -12.17
N LYS A 147 8.40 -7.31 -11.42
CA LYS A 147 8.47 -6.84 -10.04
C LYS A 147 9.22 -7.67 -8.99
N ASP A 148 9.40 -8.96 -9.25
CA ASP A 148 10.07 -9.85 -8.30
C ASP A 148 11.55 -9.53 -8.23
N ILE A 149 12.04 -9.20 -7.05
CA ILE A 149 13.45 -8.84 -6.88
C ILE A 149 13.87 -9.09 -5.44
N ASN A 150 15.08 -9.59 -5.22
CA ASN A 150 15.55 -9.80 -3.87
C ASN A 150 16.85 -9.04 -3.71
N VAL A 151 16.98 -8.37 -2.56
CA VAL A 151 18.18 -7.60 -2.27
C VAL A 151 18.84 -8.07 -1.00
N LYS A 152 20.15 -8.25 -1.09
CA LYS A 152 20.92 -8.72 0.03
C LYS A 152 21.96 -7.67 0.37
N TRP A 153 22.36 -7.63 1.64
CA TRP A 153 23.36 -6.69 2.16
C TRP A 153 24.50 -7.46 2.83
N LYS A 154 25.73 -7.12 2.47
CA LYS A 154 26.91 -7.77 3.03
C LYS A 154 27.81 -6.72 3.66
N ILE A 155 28.22 -6.96 4.91
CA ILE A 155 29.11 -6.06 5.63
C ILE A 155 30.41 -6.79 5.82
N ASP A 156 31.47 -6.28 5.18
CA ASP A 156 32.79 -6.89 5.22
C ASP A 156 32.72 -8.31 4.72
N GLY A 157 32.07 -8.48 3.57
CA GLY A 157 31.98 -9.76 2.91
C GLY A 157 31.11 -10.84 3.53
N SER A 158 30.19 -10.44 4.37
CA SER A 158 29.32 -11.41 4.98
C SER A 158 27.93 -10.79 5.05
N GLU A 159 26.93 -11.62 4.79
CA GLU A 159 25.55 -11.19 4.76
C GLU A 159 24.94 -10.69 6.07
N ARG A 160 24.20 -9.59 5.95
CA ARG A 160 23.52 -8.95 7.07
C ARG A 160 22.04 -8.96 6.69
N GLN A 161 21.24 -9.64 7.49
CA GLN A 161 19.81 -9.75 7.23
C GLN A 161 19.04 -9.05 8.32
N ASN A 162 19.70 -8.12 8.98
CA ASN A 162 19.14 -7.37 10.10
C ASN A 162 19.32 -5.87 9.87
N GLY A 163 18.59 -5.06 10.64
CA GLY A 163 18.67 -3.61 10.50
C GLY A 163 18.23 -3.10 9.12
N VAL A 164 17.71 -4.00 8.28
CA VAL A 164 17.26 -3.68 6.92
C VAL A 164 15.77 -3.40 6.72
N LEU A 165 15.45 -2.23 6.18
CA LEU A 165 14.05 -1.88 5.91
C LEU A 165 13.91 -1.64 4.41
N ASN A 166 12.89 -2.23 3.81
CA ASN A 166 12.64 -2.12 2.36
C ASN A 166 11.33 -1.42 2.08
N SER A 167 11.25 -0.77 0.93
CA SER A 167 10.04 -0.08 0.53
C SER A 167 9.99 -0.21 -0.98
N TRP A 168 8.78 -0.36 -1.52
CA TRP A 168 8.55 -0.60 -2.94
C TRP A 168 7.51 0.35 -3.52
N THR A 169 7.77 0.87 -4.71
CA THR A 169 6.78 1.75 -5.32
C THR A 169 5.78 0.91 -6.11
N ASP A 170 4.64 1.50 -6.45
CA ASP A 170 3.62 0.85 -7.26
C ASP A 170 4.15 0.87 -8.69
N GLN A 171 3.49 0.17 -9.62
CA GLN A 171 3.97 0.14 -11.01
C GLN A 171 3.99 1.59 -11.56
N ASP A 172 5.05 1.94 -12.27
CA ASP A 172 5.19 3.31 -12.80
C ASP A 172 4.15 3.68 -13.85
N SER A 173 3.51 4.83 -13.67
CA SER A 173 2.49 5.31 -14.61
C SER A 173 2.94 5.39 -16.05
N LYS A 174 4.12 5.96 -16.32
CA LYS A 174 4.51 6.05 -17.71
C LYS A 174 5.37 4.94 -18.24
N ASP A 175 6.17 4.27 -17.43
CA ASP A 175 6.94 3.22 -18.06
C ASP A 175 6.73 1.80 -17.57
N SER A 176 5.73 1.60 -16.72
CA SER A 176 5.39 0.26 -16.22
C SER A 176 6.47 -0.53 -15.49
N THR A 177 7.50 0.15 -14.95
CA THR A 177 8.54 -0.57 -14.21
C THR A 177 8.26 -0.43 -12.70
N TYR A 178 9.11 -1.06 -11.91
CA TYR A 178 8.97 -1.01 -10.47
C TYR A 178 10.29 -0.52 -9.90
N SER A 179 10.25 -0.01 -8.67
CA SER A 179 11.43 0.49 -7.99
C SER A 179 11.44 0.06 -6.54
N MET A 180 12.64 -0.08 -5.99
CA MET A 180 12.76 -0.50 -4.62
C MET A 180 13.86 0.29 -3.94
N SER A 181 13.67 0.55 -2.66
CA SER A 181 14.66 1.24 -1.86
C SER A 181 14.89 0.32 -0.66
N SER A 182 16.16 0.10 -0.33
CA SER A 182 16.57 -0.74 0.78
C SER A 182 17.62 0.02 1.60
N THR A 183 17.35 0.23 2.88
CA THR A 183 18.35 0.90 3.68
C THR A 183 18.78 0.08 4.90
N LEU A 184 20.08 -0.07 5.02
CA LEU A 184 20.72 -0.81 6.09
C LEU A 184 21.04 0.23 7.13
N THR A 185 20.39 0.13 8.27
CA THR A 185 20.64 1.05 9.34
C THR A 185 21.47 0.27 10.36
N LEU A 186 22.52 0.91 10.89
CA LEU A 186 23.36 0.28 11.88
C LEU A 186 23.77 1.38 12.82
N THR A 187 24.32 1.01 13.97
CA THR A 187 24.77 2.01 14.90
C THR A 187 26.04 2.61 14.29
N LYS A 188 26.37 3.83 14.70
CA LYS A 188 27.58 4.48 14.25
C LYS A 188 28.82 3.62 14.67
N ASP A 189 28.80 3.06 15.88
CA ASP A 189 29.89 2.22 16.38
C ASP A 189 30.11 1.10 15.42
N GLU A 190 29.02 0.45 15.06
CA GLU A 190 29.08 -0.67 14.13
C GLU A 190 29.67 -0.24 12.79
N TYR A 191 29.13 0.84 12.24
CA TYR A 191 29.59 1.35 10.95
C TYR A 191 31.12 1.58 11.05
N GLU A 192 31.54 2.28 12.10
CA GLU A 192 32.95 2.57 12.28
C GLU A 192 33.81 1.34 12.60
N ARG A 193 33.17 0.18 12.69
CA ARG A 193 33.82 -1.12 12.96
C ARG A 193 34.10 -1.90 11.67
N HIS A 194 33.45 -1.52 10.58
CA HIS A 194 33.64 -2.26 9.34
C HIS A 194 34.03 -1.38 8.16
N ASN A 195 34.63 -1.99 7.14
CA ASN A 195 35.06 -1.23 5.97
C ASN A 195 34.22 -1.35 4.68
N SER A 196 33.91 -2.58 4.28
CA SER A 196 33.12 -2.83 3.06
C SER A 196 31.60 -3.01 3.31
N TYR A 197 30.80 -2.37 2.47
CA TYR A 197 29.34 -2.43 2.56
C TYR A 197 28.78 -2.65 1.16
N THR A 198 28.16 -3.79 0.93
CA THR A 198 27.61 -4.08 -0.38
C THR A 198 26.11 -4.31 -0.47
N CYS A 199 25.57 -3.91 -1.62
CA CYS A 199 24.16 -4.03 -1.96
C CYS A 199 24.05 -4.98 -3.14
N GLU A 200 23.54 -6.18 -2.91
CA GLU A 200 23.40 -7.19 -3.96
C GLU A 200 21.96 -7.33 -4.42
N ALA A 201 21.72 -7.13 -5.72
CA ALA A 201 20.37 -7.26 -6.26
C ALA A 201 20.23 -8.48 -7.18
N THR A 202 19.27 -9.34 -6.87
CA THR A 202 19.03 -10.52 -7.69
C THR A 202 17.71 -10.32 -8.43
N HIS A 203 17.80 -10.40 -9.75
CA HIS A 203 16.66 -10.21 -10.62
C HIS A 203 16.76 -11.17 -11.78
N LYS A 204 15.61 -11.61 -12.30
CA LYS A 204 15.61 -12.54 -13.41
C LYS A 204 16.41 -12.04 -14.61
N THR A 205 16.67 -10.74 -14.71
CA THR A 205 17.44 -10.24 -15.85
C THR A 205 18.92 -10.63 -15.82
N SER A 206 19.34 -11.34 -14.78
CA SER A 206 20.73 -11.73 -14.70
C SER A 206 20.98 -13.02 -13.92
N THR A 207 22.04 -13.72 -14.32
CA THR A 207 22.46 -14.97 -13.69
C THR A 207 23.28 -14.65 -12.45
N SER A 208 23.84 -13.45 -12.47
CA SER A 208 24.67 -12.99 -11.38
C SER A 208 24.06 -11.77 -10.76
N PRO A 209 24.07 -11.70 -9.43
CA PRO A 209 23.47 -10.53 -8.79
C PRO A 209 24.17 -9.25 -9.22
N ILE A 210 23.47 -8.12 -9.15
CA ILE A 210 24.11 -6.85 -9.48
C ILE A 210 24.65 -6.37 -8.14
N VAL A 211 25.95 -6.13 -8.07
CA VAL A 211 26.58 -5.71 -6.83
C VAL A 211 27.10 -4.29 -6.81
N LYS A 212 26.72 -3.55 -5.79
CA LYS A 212 27.18 -2.18 -5.62
C LYS A 212 27.76 -2.15 -4.24
N SER A 213 29.00 -1.70 -4.16
CA SER A 213 29.63 -1.63 -2.87
C SER A 213 30.53 -0.42 -2.78
N PHE A 214 30.91 -0.13 -1.55
CA PHE A 214 31.83 0.94 -1.27
C PHE A 214 32.54 0.53 0.01
N ASN A 215 33.78 0.96 0.13
CA ASN A 215 34.56 0.63 1.30
C ASN A 215 34.90 1.97 1.91
N ARG A 216 34.42 2.23 3.11
CA ARG A 216 34.69 3.52 3.69
C ARG A 216 36.17 3.68 4.00
N GLN B 1 -26.30 9.47 -6.84
CA GLN B 1 -27.07 9.98 -5.66
C GLN B 1 -26.58 9.35 -4.37
N ILE B 2 -26.50 8.02 -4.35
CA ILE B 2 -26.03 7.28 -3.16
C ILE B 2 -24.63 7.74 -2.81
N GLN B 3 -24.47 8.28 -1.60
CA GLN B 3 -23.17 8.73 -1.14
C GLN B 3 -22.92 8.24 0.29
N LEU B 4 -21.69 7.77 0.53
CA LEU B 4 -21.29 7.32 1.85
C LEU B 4 -20.01 8.08 2.10
N VAL B 5 -20.12 9.16 2.86
CA VAL B 5 -18.97 9.99 3.16
C VAL B 5 -18.46 9.75 4.58
N GLN B 6 -17.25 9.22 4.65
CA GLN B 6 -16.61 8.88 5.91
C GLN B 6 -15.84 10.02 6.51
N SER B 7 -15.69 9.95 7.82
CA SER B 7 -14.98 10.94 8.60
C SER B 7 -13.47 10.93 8.35
N GLY B 8 -12.81 12.07 8.59
CA GLY B 8 -11.38 12.20 8.35
C GLY B 8 -10.40 11.24 9.02
N PRO B 9 -9.11 11.26 8.64
CA PRO B 9 -8.09 10.38 9.22
C PRO B 9 -8.01 10.54 10.74
N GLU B 10 -7.60 9.48 11.42
CA GLU B 10 -7.54 9.51 12.87
C GLU B 10 -6.17 9.17 13.40
N LEU B 11 -5.78 9.90 14.43
CA LEU B 11 -4.50 9.71 15.11
C LEU B 11 -4.78 9.52 16.59
N LYS B 12 -4.51 8.32 17.10
CA LYS B 12 -4.75 8.01 18.51
C LYS B 12 -3.63 7.22 19.15
N LYS B 13 -3.61 7.22 20.48
CA LYS B 13 -2.62 6.46 21.25
C LYS B 13 -3.29 5.23 21.84
N PRO B 14 -2.51 4.17 22.05
CA PRO B 14 -3.10 2.94 22.62
C PRO B 14 -3.97 3.24 23.82
N GLY B 15 -5.09 2.54 23.93
CA GLY B 15 -6.00 2.72 25.03
C GLY B 15 -7.04 3.78 24.83
N GLU B 16 -6.91 4.59 23.79
CA GLU B 16 -7.89 5.60 23.60
C GLU B 16 -9.05 4.99 22.84
N THR B 17 -10.07 5.78 22.55
CA THR B 17 -11.18 5.25 21.81
C THR B 17 -11.35 6.12 20.60
N VAL B 18 -11.81 5.54 19.50
CA VAL B 18 -12.04 6.32 18.29
C VAL B 18 -13.47 6.12 17.79
N LYS B 19 -14.02 7.14 17.14
CA LYS B 19 -15.39 7.11 16.61
C LYS B 19 -15.27 7.49 15.18
N ILE B 20 -15.60 6.58 14.26
CA ILE B 20 -15.52 6.87 12.85
C ILE B 20 -16.92 6.96 12.28
N SER B 21 -17.25 8.08 11.65
CA SER B 21 -18.60 8.26 11.12
C SER B 21 -18.73 7.94 9.66
N CYS B 22 -19.94 7.54 9.27
CA CYS B 22 -20.24 7.24 7.89
C CYS B 22 -21.58 7.92 7.52
N LYS B 23 -21.51 9.09 6.90
CA LYS B 23 -22.71 9.84 6.50
C LYS B 23 -23.27 9.40 5.15
N ALA B 24 -24.44 8.75 5.19
CA ALA B 24 -25.10 8.26 3.99
C ALA B 24 -26.07 9.25 3.39
N SER B 25 -26.46 9.00 2.15
CA SER B 25 -27.41 9.88 1.48
C SER B 25 -27.77 9.31 0.12
N GLY B 26 -28.80 9.89 -0.49
CA GLY B 26 -29.22 9.44 -1.81
C GLY B 26 -30.05 8.18 -1.78
N TYR B 27 -30.35 7.69 -0.58
CA TYR B 27 -31.13 6.48 -0.42
C TYR B 27 -31.81 6.45 0.95
N MET B 28 -32.80 5.57 1.12
CA MET B 28 -33.50 5.47 2.40
C MET B 28 -32.63 4.77 3.42
N PHE B 29 -31.97 5.55 4.26
CA PHE B 29 -31.08 5.02 5.29
C PHE B 29 -31.67 3.89 6.11
N THR B 30 -32.96 3.96 6.42
CA THR B 30 -33.57 2.92 7.26
C THR B 30 -33.95 1.61 6.56
N ASN B 31 -33.60 1.44 5.30
CA ASN B 31 -33.95 0.20 4.62
C ASN B 31 -32.79 -0.73 4.27
N TYR B 32 -31.57 -0.36 4.64
CA TYR B 32 -30.37 -1.16 4.31
C TYR B 32 -29.43 -1.29 5.50
N GLY B 33 -28.69 -2.39 5.57
CA GLY B 33 -27.74 -2.56 6.67
C GLY B 33 -26.41 -1.89 6.35
N MET B 34 -25.65 -1.52 7.38
CA MET B 34 -24.35 -0.89 7.18
C MET B 34 -23.26 -1.84 7.61
N ASN B 35 -22.34 -2.14 6.70
CA ASN B 35 -21.24 -3.03 6.98
C ASN B 35 -19.97 -2.25 7.27
N TRP B 36 -19.05 -2.88 7.98
CA TRP B 36 -17.77 -2.22 8.25
C TRP B 36 -16.68 -3.23 7.86
N VAL B 37 -15.66 -2.69 7.19
CA VAL B 37 -14.56 -3.49 6.66
C VAL B 37 -13.19 -2.90 7.05
N LYS B 38 -12.29 -3.78 7.48
CA LYS B 38 -10.96 -3.36 7.90
C LYS B 38 -9.93 -3.81 6.89
N GLN B 39 -8.98 -2.93 6.59
CA GLN B 39 -7.95 -3.29 5.65
C GLN B 39 -6.60 -2.75 6.15
N ALA B 40 -5.75 -3.71 6.48
CA ALA B 40 -4.42 -3.43 6.97
C ALA B 40 -3.54 -3.18 5.75
N PRO B 41 -2.70 -2.14 5.81
CA PRO B 41 -1.79 -1.73 4.75
C PRO B 41 -1.36 -2.86 3.81
N GLY B 42 -1.79 -2.79 2.55
CA GLY B 42 -1.42 -3.79 1.56
C GLY B 42 -2.03 -5.18 1.75
N LYS B 43 -2.91 -5.32 2.74
CA LYS B 43 -3.55 -6.60 3.02
C LYS B 43 -4.95 -6.75 2.39
N ALA B 44 -5.60 -7.86 2.67
CA ALA B 44 -6.94 -8.12 2.13
C ALA B 44 -8.03 -7.38 2.91
N LEU B 45 -9.20 -7.23 2.29
CA LEU B 45 -10.32 -6.61 2.98
C LEU B 45 -10.80 -7.66 4.01
N LYS B 46 -11.26 -7.20 5.18
CA LYS B 46 -11.77 -8.11 6.23
C LYS B 46 -13.08 -7.53 6.75
N LEU B 47 -14.15 -8.32 6.69
CA LEU B 47 -15.45 -7.85 7.15
C LEU B 47 -15.54 -7.94 8.68
N MET B 48 -15.84 -6.83 9.33
CA MET B 48 -15.90 -6.77 10.79
C MET B 48 -17.25 -7.24 11.29
N GLY B 49 -18.28 -6.87 10.54
CA GLY B 49 -19.63 -7.22 10.88
C GLY B 49 -20.51 -6.15 10.28
N TRP B 50 -21.77 -6.12 10.71
CA TRP B 50 -22.73 -5.16 10.21
C TRP B 50 -23.85 -4.96 11.25
N ILE B 51 -24.69 -3.96 10.98
CA ILE B 51 -25.82 -3.60 11.82
C ILE B 51 -27.09 -3.58 10.95
N ASN B 52 -27.97 -4.57 11.19
CA ASN B 52 -29.25 -4.72 10.46
C ASN B 52 -30.02 -3.42 10.55
N PRO B 53 -30.96 -3.17 9.63
CA PRO B 53 -31.73 -1.93 9.61
C PRO B 53 -32.93 -1.80 10.56
N TYR B 54 -34.08 -2.24 10.08
CA TYR B 54 -35.32 -2.17 10.85
C TYR B 54 -35.21 -2.77 12.26
N THR B 55 -34.33 -3.76 12.41
CA THR B 55 -34.18 -4.43 13.70
C THR B 55 -33.15 -3.80 14.64
N GLY B 56 -32.02 -3.37 14.10
CA GLY B 56 -31.02 -2.77 14.96
C GLY B 56 -30.01 -3.75 15.53
N GLU B 57 -29.98 -4.97 15.02
CA GLU B 57 -29.02 -5.94 15.51
C GLU B 57 -27.66 -5.81 14.83
N SER B 58 -26.62 -6.10 15.58
CA SER B 58 -25.27 -6.05 15.05
C SER B 58 -24.63 -7.40 15.19
N THR B 59 -23.92 -7.79 14.15
CA THR B 59 -23.18 -9.02 14.17
C THR B 59 -21.70 -8.60 14.07
N PHE B 60 -20.85 -9.33 14.78
CA PHE B 60 -19.41 -9.08 14.80
C PHE B 60 -18.65 -10.35 14.51
N ALA B 61 -17.62 -10.25 13.69
CA ALA B 61 -16.78 -11.40 13.41
C ALA B 61 -16.10 -11.74 14.77
N ASP B 62 -15.57 -12.95 14.90
CA ASP B 62 -14.94 -13.39 16.15
C ASP B 62 -13.80 -12.48 16.60
N ASP B 63 -13.03 -11.99 15.64
CA ASP B 63 -11.92 -11.09 15.91
C ASP B 63 -12.34 -9.75 16.46
N PHE B 64 -13.62 -9.40 16.42
CA PHE B 64 -14.00 -8.07 16.89
C PHE B 64 -15.01 -8.03 18.03
N LYS B 65 -14.67 -8.69 19.13
CA LYS B 65 -15.55 -8.74 20.27
C LYS B 65 -15.07 -7.85 21.42
N GLY B 66 -15.97 -7.61 22.37
CA GLY B 66 -15.64 -6.82 23.54
C GLY B 66 -15.42 -5.33 23.41
N ARG B 67 -14.46 -4.92 22.60
CA ARG B 67 -14.16 -3.50 22.47
C ARG B 67 -14.84 -2.75 21.30
N PHE B 68 -15.54 -3.45 20.42
CA PHE B 68 -16.17 -2.83 19.26
C PHE B 68 -17.66 -2.63 19.34
N ALA B 69 -18.15 -1.56 18.74
CA ALA B 69 -19.58 -1.28 18.74
C ALA B 69 -20.03 -0.63 17.44
N PHE B 70 -21.27 -0.89 17.04
CA PHE B 70 -21.86 -0.31 15.84
C PHE B 70 -23.13 0.39 16.28
N PHE B 71 -23.32 1.61 15.84
CA PHE B 71 -24.56 2.30 16.17
C PHE B 71 -24.85 3.33 15.12
N LEU B 72 -26.05 3.88 15.11
CA LEU B 72 -26.34 4.90 14.11
C LEU B 72 -27.26 5.99 14.59
N GLU B 73 -27.12 7.15 13.98
CA GLU B 73 -27.95 8.30 14.28
C GLU B 73 -28.78 8.42 13.00
N THR B 74 -29.89 7.71 12.97
CA THR B 74 -30.72 7.70 11.78
C THR B 74 -31.28 9.06 11.41
N SER B 75 -31.53 9.90 12.42
CA SER B 75 -32.08 11.23 12.16
C SER B 75 -31.12 12.09 11.35
N ALA B 76 -29.93 11.56 11.10
CA ALA B 76 -28.91 12.26 10.32
C ALA B 76 -28.29 11.24 9.35
N THR B 77 -28.96 10.10 9.27
CA THR B 77 -28.58 8.98 8.41
C THR B 77 -27.09 8.67 8.40
N THR B 78 -26.50 8.69 9.60
CA THR B 78 -25.08 8.41 9.78
C THR B 78 -24.84 7.13 10.59
N ALA B 79 -23.81 6.38 10.24
CA ALA B 79 -23.48 5.14 10.94
C ALA B 79 -22.13 5.29 11.61
N TYR B 80 -22.00 4.77 12.81
CA TYR B 80 -20.71 4.88 13.49
C TYR B 80 -20.09 3.54 13.83
N LEU B 81 -18.76 3.52 13.81
CA LEU B 81 -17.98 2.36 14.20
C LEU B 81 -17.20 2.91 15.42
N GLN B 82 -17.42 2.35 16.61
CA GLN B 82 -16.66 2.82 17.77
C GLN B 82 -15.70 1.75 18.23
N ILE B 83 -14.43 2.15 18.37
CA ILE B 83 -13.41 1.23 18.83
C ILE B 83 -12.85 1.79 20.15
N ASN B 84 -13.08 1.05 21.22
CA ASN B 84 -12.62 1.43 22.55
C ASN B 84 -11.34 0.70 22.88
N ASN B 85 -10.57 1.22 23.85
CA ASN B 85 -9.36 0.51 24.31
C ASN B 85 -8.42 0.20 23.16
N LEU B 86 -8.20 1.16 22.28
CA LEU B 86 -7.34 0.92 21.10
C LEU B 86 -6.05 0.15 21.32
N LYS B 87 -5.78 -0.77 20.39
CA LYS B 87 -4.60 -1.60 20.34
C LYS B 87 -3.78 -1.17 19.12
N ASN B 88 -2.55 -1.63 19.02
CA ASN B 88 -1.73 -1.26 17.86
C ASN B 88 -2.28 -1.98 16.62
N GLU B 89 -2.72 -3.23 16.79
CA GLU B 89 -3.25 -3.99 15.69
C GLU B 89 -4.54 -3.40 15.11
N ASP B 90 -5.09 -2.37 15.77
CA ASP B 90 -6.28 -1.69 15.27
C ASP B 90 -5.87 -0.70 14.15
N MET B 91 -4.57 -0.51 13.98
CA MET B 91 -4.08 0.42 12.96
C MET B 91 -4.39 -0.14 11.60
N ALA B 92 -5.15 0.59 10.82
CA ALA B 92 -5.56 0.14 9.49
C ALA B 92 -6.54 1.15 8.97
N THR B 93 -7.07 0.87 7.79
CA THR B 93 -8.03 1.76 7.18
C THR B 93 -9.37 1.09 7.32
N TYR B 94 -10.40 1.88 7.62
CA TYR B 94 -11.72 1.31 7.79
C TYR B 94 -12.73 1.80 6.78
N PHE B 95 -13.50 0.85 6.25
CA PHE B 95 -14.51 1.18 5.26
C PHE B 95 -15.90 0.87 5.76
N CYS B 96 -16.80 1.77 5.39
CA CYS B 96 -18.21 1.69 5.69
C CYS B 96 -18.81 1.24 4.33
N ALA B 97 -19.83 0.38 4.32
CA ALA B 97 -20.42 -0.05 3.06
C ALA B 97 -21.85 -0.51 3.22
N ARG B 98 -22.73 -0.02 2.33
CA ARG B 98 -24.13 -0.38 2.38
C ARG B 98 -24.31 -1.84 2.02
N GLY B 99 -25.22 -2.51 2.71
CA GLY B 99 -25.48 -3.90 2.42
C GLY B 99 -26.84 -4.05 1.74
N THR B 100 -26.95 -4.98 0.79
CA THR B 100 -28.22 -5.20 0.09
C THR B 100 -28.65 -6.64 0.36
N THR B 101 -29.56 -6.79 1.32
CA THR B 101 -30.06 -8.11 1.75
C THR B 101 -30.34 -9.17 0.72
N ILE B 102 -31.13 -8.84 -0.30
CA ILE B 102 -31.47 -9.83 -1.32
C ILE B 102 -30.28 -10.46 -2.00
N VAL B 103 -29.19 -9.70 -2.10
CA VAL B 103 -28.01 -10.22 -2.76
C VAL B 103 -26.94 -10.66 -1.76
N ARG B 104 -27.09 -10.22 -0.52
CA ARG B 104 -26.16 -10.56 0.55
C ARG B 104 -24.78 -10.06 0.14
N ALA B 105 -24.67 -8.76 -0.05
CA ALA B 105 -23.42 -8.14 -0.46
C ALA B 105 -23.46 -6.66 -0.16
N MET B 106 -22.30 -6.01 -0.17
CA MET B 106 -22.25 -4.59 0.08
C MET B 106 -22.18 -3.99 -1.33
N ASP B 107 -22.98 -2.98 -1.61
CA ASP B 107 -22.92 -2.41 -2.95
C ASP B 107 -22.13 -1.11 -3.01
N TYR B 108 -22.57 -0.11 -2.28
CA TYR B 108 -21.89 1.17 -2.28
C TYR B 108 -20.97 1.29 -1.07
N TRP B 109 -19.72 1.67 -1.30
CA TRP B 109 -18.74 1.78 -0.24
C TRP B 109 -18.32 3.20 0.08
N GLY B 110 -17.95 3.42 1.33
CA GLY B 110 -17.47 4.72 1.74
C GLY B 110 -16.07 4.87 1.18
N GLN B 111 -15.51 6.05 1.32
CA GLN B 111 -14.17 6.37 0.83
C GLN B 111 -13.04 5.76 1.69
N GLY B 112 -13.35 5.35 2.92
CA GLY B 112 -12.29 4.80 3.75
C GLY B 112 -11.80 5.78 4.78
N THR B 113 -11.43 5.28 5.96
CA THR B 113 -10.93 6.12 7.05
C THR B 113 -9.68 5.47 7.63
N SER B 114 -8.56 6.18 7.54
CA SER B 114 -7.31 5.64 8.05
C SER B 114 -7.18 5.93 9.54
N LEU B 115 -6.77 4.90 10.28
CA LEU B 115 -6.62 4.96 11.72
C LEU B 115 -5.20 4.59 12.10
N THR B 116 -4.49 5.49 12.75
CA THR B 116 -3.15 5.15 13.20
C THR B 116 -3.18 5.17 14.74
N VAL B 117 -2.53 4.17 15.34
CA VAL B 117 -2.43 4.05 16.80
C VAL B 117 -0.96 4.06 17.16
N SER B 118 -0.55 5.05 17.94
CA SER B 118 0.85 5.16 18.35
C SER B 118 1.11 6.02 19.59
N SER B 119 2.08 5.59 20.40
CA SER B 119 2.45 6.34 21.61
C SER B 119 3.46 7.44 21.27
N ALA B 120 3.96 7.44 20.04
CA ALA B 120 4.93 8.44 19.61
C ALA B 120 4.42 9.88 19.61
N LYS B 121 5.32 10.84 19.83
CA LYS B 121 4.90 12.23 19.82
C LYS B 121 5.31 12.90 18.54
N THR B 122 4.56 13.91 18.13
CA THR B 122 4.88 14.61 16.90
C THR B 122 6.39 14.83 16.86
N THR B 123 6.96 14.76 15.67
CA THR B 123 8.39 14.92 15.51
C THR B 123 8.70 15.18 14.04
N PRO B 124 9.42 16.29 13.77
CA PRO B 124 9.79 16.65 12.40
C PRO B 124 10.90 15.73 11.91
N PRO B 125 11.00 15.54 10.60
CA PRO B 125 12.05 14.64 10.11
C PRO B 125 13.45 15.23 10.06
N SER B 126 14.41 14.33 9.95
CA SER B 126 15.81 14.68 9.80
C SER B 126 16.05 14.38 8.32
N VAL B 127 16.47 15.38 7.55
CA VAL B 127 16.71 15.20 6.12
C VAL B 127 18.21 15.17 5.77
N TYR B 128 18.66 14.03 5.27
CA TYR B 128 20.06 13.84 4.87
C TYR B 128 20.25 13.70 3.36
N PRO B 129 21.32 14.32 2.84
CA PRO B 129 21.67 14.30 1.42
C PRO B 129 22.28 12.98 1.03
N LEU B 130 21.85 12.44 -0.10
CA LEU B 130 22.41 11.20 -0.58
C LEU B 130 23.14 11.53 -1.88
N ALA B 131 24.44 11.80 -1.79
CA ALA B 131 25.20 12.07 -2.98
C ALA B 131 26.12 10.87 -3.10
N PRO B 132 26.59 10.57 -4.31
CA PRO B 132 27.47 9.40 -4.47
C PRO B 132 28.71 9.43 -3.57
N GLY B 133 29.17 8.25 -3.16
CA GLY B 133 30.33 8.17 -2.27
C GLY B 133 31.69 7.84 -2.88
N SER B 134 32.09 8.61 -3.88
CA SER B 134 33.39 8.40 -4.51
C SER B 134 33.73 6.98 -4.92
N ALA B 135 32.96 6.45 -5.88
CA ALA B 135 33.16 5.11 -6.41
C ALA B 135 32.46 5.13 -7.76
N ALA B 136 32.52 4.04 -8.51
CA ALA B 136 31.86 3.97 -9.81
C ALA B 136 32.01 5.34 -10.46
N GLN B 137 30.96 5.81 -11.13
CA GLN B 137 30.93 7.16 -11.74
C GLN B 137 30.32 7.41 -13.12
N THR B 138 31.17 7.60 -14.13
CA THR B 138 30.69 7.92 -15.47
C THR B 138 29.66 7.00 -16.11
N ASN B 139 28.91 7.61 -17.01
CA ASN B 139 27.86 7.00 -17.79
C ASN B 139 27.03 8.24 -18.15
N SER B 140 25.86 8.06 -18.76
CA SER B 140 25.05 9.22 -19.15
C SER B 140 24.27 9.85 -18.00
N MET B 141 23.88 9.04 -17.00
CA MET B 141 23.10 9.57 -15.89
C MET B 141 23.63 9.29 -14.47
N VAL B 142 23.25 10.16 -13.53
CA VAL B 142 23.62 10.07 -12.10
C VAL B 142 22.38 10.07 -11.17
N THR B 143 22.36 9.16 -10.21
CA THR B 143 21.27 9.13 -9.26
C THR B 143 21.67 9.69 -7.90
N LEU B 144 20.82 10.57 -7.40
CA LEU B 144 20.98 11.28 -6.15
C LEU B 144 19.79 10.93 -5.24
N GLY B 145 19.80 11.35 -3.99
CA GLY B 145 18.69 11.02 -3.12
C GLY B 145 18.66 11.84 -1.86
N CYS B 146 17.63 11.61 -1.05
CA CYS B 146 17.43 12.29 0.24
C CYS B 146 16.83 11.26 1.20
N LEU B 147 17.33 11.20 2.43
CA LEU B 147 16.79 10.28 3.44
C LEU B 147 16.04 11.17 4.40
N VAL B 148 14.75 10.91 4.55
CA VAL B 148 13.88 11.67 5.45
C VAL B 148 13.67 10.71 6.65
N LYS B 149 14.42 10.90 7.74
CA LYS B 149 14.33 9.98 8.89
C LYS B 149 13.78 10.49 10.23
N GLY B 150 13.18 9.56 10.99
CA GLY B 150 12.64 9.87 12.29
C GLY B 150 11.49 10.86 12.46
N TYR B 151 10.51 10.83 11.57
CA TYR B 151 9.39 11.75 11.73
C TYR B 151 8.10 11.03 12.18
N PHE B 152 7.08 11.81 12.51
CA PHE B 152 5.80 11.28 12.95
C PHE B 152 4.93 12.46 13.28
N PRO B 153 3.64 12.40 12.91
CA PRO B 153 3.07 11.26 12.20
C PRO B 153 3.28 11.43 10.70
N GLU B 154 2.66 10.55 9.93
CA GLU B 154 2.73 10.66 8.48
C GLU B 154 1.76 11.79 8.16
N PRO B 155 1.87 12.37 6.96
CA PRO B 155 2.87 12.00 5.96
C PRO B 155 3.93 13.10 5.91
N VAL B 156 4.72 13.05 4.86
CA VAL B 156 5.75 14.02 4.58
C VAL B 156 5.57 14.29 3.08
N THR B 157 5.86 15.50 2.64
CA THR B 157 5.78 15.84 1.22
C THR B 157 7.18 16.10 0.70
N VAL B 158 7.62 15.31 -0.26
CA VAL B 158 8.94 15.47 -0.83
C VAL B 158 8.88 15.96 -2.28
N THR B 159 9.65 16.98 -2.60
CA THR B 159 9.71 17.52 -3.96
C THR B 159 11.18 17.78 -4.24
N TRP B 160 11.50 17.94 -5.52
CA TRP B 160 12.86 18.25 -5.93
C TRP B 160 12.83 19.54 -6.74
N ASN B 161 13.70 20.46 -6.32
CA ASN B 161 13.81 21.76 -6.98
C ASN B 161 12.43 22.37 -7.01
N SER B 162 11.78 22.27 -5.86
CA SER B 162 10.45 22.81 -5.67
C SER B 162 9.41 22.20 -6.59
N GLY B 163 9.63 20.96 -7.00
CA GLY B 163 8.65 20.30 -7.86
C GLY B 163 8.91 20.44 -9.34
N SER B 164 9.98 21.15 -9.70
CA SER B 164 10.31 21.33 -11.11
C SER B 164 10.78 20.01 -11.67
N LEU B 165 11.51 19.25 -10.84
CA LEU B 165 12.03 17.96 -11.21
C LEU B 165 10.94 16.94 -10.88
N SER B 166 10.48 16.22 -11.89
CA SER B 166 9.42 15.23 -11.68
C SER B 166 9.64 13.85 -12.30
N SER B 167 10.05 13.82 -13.56
CA SER B 167 10.27 12.55 -14.23
C SER B 167 11.39 11.69 -13.67
N GLY B 168 12.46 12.29 -13.20
CA GLY B 168 13.52 11.44 -12.74
C GLY B 168 13.35 10.96 -11.30
N VAL B 169 12.26 11.34 -10.64
CA VAL B 169 12.11 10.99 -9.24
C VAL B 169 11.28 9.79 -8.83
N HIS B 170 11.71 9.16 -7.73
CA HIS B 170 11.03 8.03 -7.12
C HIS B 170 10.96 8.29 -5.64
N THR B 171 9.81 8.65 -5.10
CA THR B 171 9.73 8.84 -3.65
C THR B 171 9.04 7.57 -3.12
N PHE B 172 9.72 6.89 -2.20
CA PHE B 172 9.23 5.61 -1.68
C PHE B 172 8.37 5.69 -0.44
N PRO B 173 7.45 4.72 -0.26
CA PRO B 173 6.59 4.77 0.93
C PRO B 173 7.42 4.69 2.24
N ALA B 174 6.96 5.38 3.27
CA ALA B 174 7.66 5.39 4.56
C ALA B 174 7.53 4.06 5.28
N VAL B 175 8.57 3.72 6.05
CA VAL B 175 8.57 2.50 6.83
C VAL B 175 8.82 2.88 8.30
N LEU B 176 8.14 2.16 9.18
CA LEU B 176 8.20 2.38 10.62
C LEU B 176 9.40 1.70 11.28
N GLN B 177 10.18 2.49 12.01
CA GLN B 177 11.32 1.94 12.73
C GLN B 177 11.29 2.53 14.13
N SER B 178 10.72 1.76 15.06
CA SER B 178 10.59 2.17 16.45
C SER B 178 9.74 3.43 16.60
N ASP B 179 8.44 3.27 16.43
CA ASP B 179 7.52 4.40 16.58
C ASP B 179 7.80 5.58 15.70
N LEU B 180 8.77 5.46 14.80
CA LEU B 180 9.05 6.58 13.93
C LEU B 180 9.15 6.20 12.45
N TYR B 181 8.77 7.12 11.57
CA TYR B 181 8.82 6.83 10.14
C TYR B 181 10.05 7.37 9.41
N THR B 182 10.43 6.60 8.38
CA THR B 182 11.55 6.93 7.53
C THR B 182 11.18 6.61 6.08
N LEU B 183 11.50 7.54 5.19
CA LEU B 183 11.25 7.38 3.76
C LEU B 183 12.48 7.89 3.02
N SER B 184 12.66 7.43 1.79
CA SER B 184 13.76 7.85 0.94
C SER B 184 13.19 8.25 -0.41
N SER B 185 13.91 9.07 -1.15
CA SER B 185 13.48 9.54 -2.48
C SER B 185 14.73 9.67 -3.37
N SER B 186 14.67 9.15 -4.59
CA SER B 186 15.81 9.25 -5.49
C SER B 186 15.44 10.12 -6.69
N VAL B 187 16.47 10.71 -7.30
CA VAL B 187 16.25 11.50 -8.51
C VAL B 187 17.42 11.16 -9.39
N THR B 188 17.16 11.05 -10.67
CA THR B 188 18.19 10.69 -11.60
C THR B 188 18.21 11.80 -12.63
N VAL B 189 19.40 12.39 -12.83
CA VAL B 189 19.57 13.47 -13.79
C VAL B 189 20.77 13.17 -14.66
N PRO B 190 20.95 13.89 -15.78
CA PRO B 190 22.12 13.60 -16.61
C PRO B 190 23.37 14.02 -15.86
N SER B 191 24.43 13.25 -15.96
CA SER B 191 25.64 13.58 -15.23
C SER B 191 26.28 14.93 -15.64
N SER B 192 25.87 15.49 -16.79
CA SER B 192 26.43 16.77 -17.21
C SER B 192 25.86 17.99 -16.48
N PRO B 193 24.57 17.96 -16.10
CA PRO B 193 23.95 19.08 -15.38
C PRO B 193 24.16 19.07 -13.88
N ARG B 194 24.89 18.08 -13.37
CA ARG B 194 25.15 18.03 -11.91
C ARG B 194 26.59 17.68 -11.66
N PRO B 195 27.24 18.39 -10.72
CA PRO B 195 26.67 19.49 -9.92
C PRO B 195 26.44 20.83 -10.64
N SER B 196 26.72 20.89 -11.93
CA SER B 196 26.53 22.11 -12.72
C SER B 196 25.22 22.85 -12.38
N GLU B 197 24.11 22.13 -12.50
CA GLU B 197 22.79 22.70 -12.21
C GLU B 197 22.34 22.12 -10.86
N THR B 198 22.10 22.98 -9.90
CA THR B 198 21.70 22.54 -8.58
C THR B 198 20.53 21.59 -8.56
N VAL B 199 20.60 20.64 -7.63
CA VAL B 199 19.56 19.63 -7.40
C VAL B 199 19.37 19.64 -5.90
N THR B 200 18.17 20.01 -5.46
CA THR B 200 17.86 20.07 -4.05
C THR B 200 16.49 19.48 -3.66
N CYS B 201 16.45 18.66 -2.62
CA CYS B 201 15.16 18.12 -2.20
C CYS B 201 14.51 19.04 -1.17
N ASN B 202 13.19 19.15 -1.23
CA ASN B 202 12.46 19.98 -0.27
C ASN B 202 11.52 19.05 0.52
N VAL B 203 11.73 18.97 1.83
CA VAL B 203 10.90 18.11 2.64
C VAL B 203 10.01 18.92 3.58
N ALA B 204 8.71 18.67 3.49
CA ALA B 204 7.72 19.38 4.29
C ALA B 204 6.95 18.40 5.14
N HIS B 205 6.69 18.79 6.39
CA HIS B 205 5.97 17.96 7.34
C HIS B 205 4.91 18.81 7.99
N PRO B 206 3.70 18.81 7.44
CA PRO B 206 2.60 19.62 7.99
C PRO B 206 2.39 19.31 9.46
N ALA B 207 2.20 18.04 9.77
CA ALA B 207 2.02 17.65 11.16
C ALA B 207 2.82 18.53 12.13
N SER B 208 4.06 18.88 11.77
CA SER B 208 4.87 19.72 12.65
C SER B 208 5.23 21.05 12.00
N SER B 209 4.48 21.43 10.97
CA SER B 209 4.76 22.69 10.28
C SER B 209 6.29 22.79 10.04
N THR B 210 6.79 21.92 9.16
CA THR B 210 8.22 21.86 8.85
C THR B 210 8.46 21.88 7.34
N LYS B 211 9.44 22.66 6.90
CA LYS B 211 9.80 22.77 5.49
C LYS B 211 11.31 22.89 5.43
N VAL B 212 11.95 21.86 4.90
CA VAL B 212 13.40 21.80 4.83
C VAL B 212 13.95 21.56 3.42
N ASP B 213 15.01 22.24 3.06
CA ASP B 213 15.62 22.02 1.76
C ASP B 213 17.01 21.46 2.00
N LYS B 214 17.44 20.53 1.15
CA LYS B 214 18.77 19.97 1.28
C LYS B 214 19.42 19.86 -0.06
N LYS B 215 20.28 20.83 -0.38
CA LYS B 215 20.98 20.79 -1.68
C LYS B 215 21.93 19.59 -1.69
N ILE B 216 21.92 18.84 -2.77
CA ILE B 216 22.80 17.70 -2.84
C ILE B 216 24.13 18.16 -3.44
N VAL B 217 25.20 18.09 -2.64
CA VAL B 217 26.54 18.49 -3.11
C VAL B 217 27.40 17.23 -3.15
N PRO B 218 28.35 17.16 -4.09
CA PRO B 218 29.20 15.97 -4.18
C PRO B 218 29.73 15.51 -2.82
N ARG B 219 29.02 14.58 -2.19
CA ARG B 219 29.42 14.06 -0.88
C ARG B 219 30.33 12.86 -1.08
C1 MLT C . -24.79 -21.70 6.92
O1 MLT C . -25.42 -21.04 7.80
O2 MLT C . -23.61 -21.51 6.67
C2 MLT C . -25.59 -22.76 6.16
O3 MLT C . -24.67 -23.78 5.51
C3 MLT C . -26.48 -22.06 5.13
C4 MLT C . -27.71 -22.78 4.63
O4 MLT C . -28.77 -22.70 5.33
O5 MLT C . -27.68 -23.46 3.57
CL1 ENH D . -27.82 -10.43 3.99
CL2 ENH D . -26.82 -7.61 2.38
CL3 ENH D . -23.55 -6.97 3.11
CL ENH D . -25.08 -11.66 5.74
CL8 ENH D . -23.66 -10.46 2.81
CL9 ENH D . -22.33 -9.49 5.21
C11 ENH D . -26.31 -9.62 4.17
C12 ENH D . -25.91 -8.48 3.52
C5 ENH D . -24.55 -8.07 4.11
C ENH D . -24.80 -7.55 5.58
C9 ENH D . -25.24 -8.88 6.31
C10 ENH D . -25.17 -9.95 5.17
C8 ENH D . -23.91 -9.50 4.33
N ENH D . -27.01 -7.23 6.55
C6 ENH D . -26.62 -8.54 6.89
O ENH D . -27.28 -9.34 7.52
C7 ENH D . -26.00 -6.60 5.81
O1 ENH D . -26.06 -5.44 5.37
CN ENH D . -28.26 -6.61 6.95
#